data_2XQG
#
_entry.id   2XQG
#
_cell.length_a   154.600
_cell.length_b   154.600
_cell.length_c   127.610
_cell.angle_alpha   90.00
_cell.angle_beta   90.00
_cell.angle_gamma   90.00
#
_symmetry.space_group_name_H-M   'I 4 2 2'
#
loop_
_entity.id
_entity.type
_entity.pdbx_description
1 polymer CHOLINESTERASE
2 branched 2-acetamido-2-deoxy-beta-D-glucopyranose-(1-4)-[beta-L-fucopyranose-(1-6)]2-acetamido-2-deoxy-beta-D-glucopyranose
3 non-polymer 'UNKNOWN ATOM OR ION'
4 non-polymer '2-METHYLPROPYL HYDROGEN (R)-METHYLPHOSPHONATE'
5 non-polymer GLYCINE
6 non-polymer 'SULFATE ION'
7 non-polymer 'CALCIUM ION'
8 non-polymer 'BROMIDE ION'
9 non-polymer 'SODIUM ION'
10 non-polymer 2-acetamido-2-deoxy-beta-D-glucopyranose
11 non-polymer 'CHLORIDE ION'
12 water water
#
_entity_poly.entity_id   1
_entity_poly.type   'polypeptide(L)'
_entity_poly.pdbx_seq_one_letter_code
;DIIIATKNGKVRGMQLTVFGGTVTAFLGIPYAQPPLGRLRFKKPQSLTKWSDIWNATKYANSCCQNIDQSFPGFHGSEMW
NPNTDLSEDCLYLNVWIPAPKPKNATVLIWIYGGGFQTGTSSLHVYDGKFLARVERVIVVSMNYRVGALGFLALPGNPEA
PGNMGLFDQQLALQWVQKNIAAFGGNPKSVTLFGESAGAASVSLHLLSPGSHSLFTRAILQSGSFNAPWAVTSLYEARNR
TLNLAKLTGCSRENETEIIKCLRNKDPQEILLNEAFVVPYGTPLSVNFGPTVDGDFLTDMPDILLELGQFKKTQILVGVN
KDEGTAFLVYGAPGFSKDNNSIITRKEFQEGLKIFFPGVSEFGKESILFHYTDWVDDQRPENYREALGDVVGDYNFICPA
LEFTKKFSEWGNNAFFYYFEHRSSKLPWPEWMGVMHGYEIEFVFGLPLERRDQYTKAEEILSRSIVKRWANFAKYGNPQE
TQNQSTSWPVFKSTEQKYLTLNTESTRIMTKLRAQQCRFWTSFFPKV
;
_entity_poly.pdbx_strand_id   A
#
loop_
_chem_comp.id
_chem_comp.type
_chem_comp.name
_chem_comp.formula
BR non-polymer 'BROMIDE ION' 'Br -1'
CA non-polymer 'CALCIUM ION' 'Ca 2'
CL non-polymer 'CHLORIDE ION' 'Cl -1'
FUL L-saccharide, beta linking beta-L-fucopyranose 'C6 H12 O5'
NA non-polymer 'SODIUM ION' 'Na 1'
NAG D-saccharide, beta linking 2-acetamido-2-deoxy-beta-D-glucopyranose 'C8 H15 N O6'
SO4 non-polymer 'SULFATE ION' 'O4 S -2'
UNX non-polymer 'UNKNOWN ATOM OR ION' ?
VR non-polymer '2-METHYLPROPYL HYDROGEN (R)-METHYLPHOSPHONATE' 'C5 H13 O3 P'
#
# COMPACT_ATOMS: atom_id res chain seq x y z
N ASP A 1 -26.37 18.17 14.19
CA ASP A 1 -26.10 16.80 14.74
C ASP A 1 -26.50 15.71 13.73
N ILE A 2 -25.51 15.02 13.19
CA ILE A 2 -25.77 14.11 12.05
C ILE A 2 -25.63 12.62 12.45
N ILE A 3 -26.77 11.90 12.50
CA ILE A 3 -26.84 10.50 12.95
C ILE A 3 -27.31 9.56 11.82
N ILE A 4 -26.54 8.49 11.59
CA ILE A 4 -26.88 7.53 10.55
C ILE A 4 -27.22 6.16 11.14
N ALA A 5 -28.35 5.58 10.74
CA ALA A 5 -28.73 4.22 11.15
C ALA A 5 -28.01 3.20 10.28
N THR A 6 -27.15 2.36 10.87
CA THR A 6 -26.48 1.28 10.11
C THR A 6 -27.12 -0.06 10.43
N LYS A 7 -26.71 -1.14 9.77
CA LYS A 7 -27.25 -2.49 10.08
C LYS A 7 -26.95 -2.90 11.53
N ASN A 8 -25.85 -2.40 12.11
CA ASN A 8 -25.49 -2.73 13.49
C ASN A 8 -25.88 -1.68 14.55
N GLY A 9 -26.40 -0.53 14.12
CA GLY A 9 -26.87 0.45 15.08
C GLY A 9 -26.54 1.85 14.64
N LYS A 10 -26.95 2.84 15.45
CA LYS A 10 -26.75 4.25 15.14
C LYS A 10 -25.29 4.73 15.30
N VAL A 11 -24.87 5.64 14.43
CA VAL A 11 -23.56 6.28 14.58
C VAL A 11 -23.70 7.81 14.46
N ARG A 12 -23.11 8.53 15.39
CA ARG A 12 -23.02 10.00 15.32
C ARG A 12 -21.69 10.40 14.69
N GLY A 13 -21.72 11.32 13.74
CA GLY A 13 -20.53 11.84 13.08
C GLY A 13 -20.23 13.22 13.58
N MET A 14 -19.30 13.90 12.95
CA MET A 14 -19.00 15.29 13.26
C MET A 14 -18.87 16.14 11.98
N GLN A 15 -19.21 17.41 12.03
CA GLN A 15 -19.10 18.29 10.87
C GLN A 15 -17.72 18.89 10.76
N LEU A 16 -17.22 19.03 9.54
CA LEU A 16 -15.97 19.71 9.32
C LEU A 16 -16.10 20.81 8.28
N THR A 17 -15.49 21.94 8.55
CA THR A 17 -15.30 22.95 7.55
C THR A 17 -14.11 22.63 6.68
N VAL A 18 -14.35 22.56 5.38
CA VAL A 18 -13.29 22.34 4.43
C VAL A 18 -13.61 23.22 3.25
N PHE A 19 -12.71 24.17 2.98
CA PHE A 19 -12.76 25.07 1.81
C PHE A 19 -14.07 25.76 1.68
N GLY A 20 -14.56 26.32 2.78
CA GLY A 20 -15.79 27.12 2.78
C GLY A 20 -17.03 26.25 2.62
N GLY A 21 -16.91 24.94 2.78
CA GLY A 21 -18.06 24.05 2.78
C GLY A 21 -17.91 23.14 3.99
N THR A 22 -18.68 22.06 4.02
CA THR A 22 -18.71 21.13 5.15
C THR A 22 -18.55 19.71 4.64
N VAL A 23 -17.80 18.91 5.40
CA VAL A 23 -17.74 17.49 5.23
C VAL A 23 -18.20 16.83 6.57
N THR A 24 -18.99 15.75 6.51
CA THR A 24 -19.32 14.99 7.74
C THR A 24 -18.38 13.78 7.87
N ALA A 25 -17.75 13.61 9.03
CA ALA A 25 -16.75 12.59 9.18
C ALA A 25 -17.28 11.67 10.25
N PHE A 26 -17.22 10.38 9.98
CA PHE A 26 -17.51 9.36 10.98
C PHE A 26 -16.20 8.60 11.19
N LEU A 27 -15.50 8.94 12.26
CA LEU A 27 -14.19 8.33 12.50
C LEU A 27 -14.33 7.26 13.58
N GLY A 28 -13.70 6.09 13.34
CA GLY A 28 -13.74 5.01 14.30
C GLY A 28 -15.03 4.22 14.45
N ILE A 29 -15.65 3.79 13.34
CA ILE A 29 -16.85 2.94 13.43
C ILE A 29 -16.30 1.49 13.51
N PRO A 30 -16.79 0.66 14.46
CA PRO A 30 -16.26 -0.72 14.46
C PRO A 30 -16.87 -1.55 13.34
N TYR A 31 -16.11 -2.48 12.79
CA TYR A 31 -16.68 -3.31 11.74
C TYR A 31 -16.44 -4.79 12.03
N ALA A 32 -15.87 -5.11 13.20
CA ALA A 32 -15.70 -6.53 13.58
C ALA A 32 -15.63 -6.69 15.11
N GLN A 33 -15.77 -7.91 15.62
CA GLN A 33 -15.46 -8.16 17.02
C GLN A 33 -14.00 -7.83 17.29
N PRO A 34 -13.67 -7.11 18.39
CA PRO A 34 -12.25 -6.96 18.76
C PRO A 34 -11.54 -8.36 18.75
N PRO A 35 -10.38 -8.48 18.08
CA PRO A 35 -9.82 -9.84 17.91
C PRO A 35 -8.86 -10.19 19.01
N LEU A 36 -9.41 -10.34 20.21
CA LEU A 36 -8.63 -10.49 21.49
C LEU A 36 -8.86 -11.83 22.10
N GLY A 37 -7.94 -12.25 22.96
CA GLY A 37 -8.09 -13.46 23.74
C GLY A 37 -8.08 -14.64 22.78
N ARG A 38 -9.14 -15.45 22.84
CA ARG A 38 -9.32 -16.58 21.92
C ARG A 38 -9.40 -16.19 20.42
N LEU A 39 -9.74 -14.92 20.10
CA LEU A 39 -9.86 -14.44 18.71
C LEU A 39 -8.55 -14.00 18.08
N ARG A 40 -7.51 -13.82 18.89
CA ARG A 40 -6.20 -13.41 18.34
C ARG A 40 -5.73 -14.44 17.33
N PHE A 41 -5.23 -13.95 16.18
CA PHE A 41 -4.72 -14.81 15.03
C PHE A 41 -5.86 -15.45 14.20
N LYS A 42 -7.10 -15.23 14.59
CA LYS A 42 -8.20 -15.78 13.80
C LYS A 42 -8.80 -14.70 12.87
N LYS A 43 -9.57 -15.19 11.89
CA LYS A 43 -10.29 -14.41 10.96
C LYS A 43 -11.21 -13.46 11.77
N PRO A 44 -11.47 -12.24 11.25
CA PRO A 44 -12.30 -11.30 11.99
C PRO A 44 -13.69 -11.89 12.08
N GLN A 45 -14.31 -11.78 13.24
CA GLN A 45 -15.65 -12.32 13.44
C GLN A 45 -16.58 -11.15 13.30
N SER A 46 -17.79 -11.45 12.88
CA SER A 46 -18.72 -10.38 12.55
C SER A 46 -19.26 -9.73 13.84
N LEU A 47 -19.63 -8.48 13.69
CA LEU A 47 -20.03 -7.61 14.77
C LEU A 47 -21.42 -7.92 15.31
N THR A 48 -21.49 -7.94 16.64
CA THR A 48 -22.61 -8.46 17.43
C THR A 48 -23.92 -7.70 17.28
N LYS A 49 -23.82 -6.36 17.10
CA LYS A 49 -24.95 -5.35 17.21
C LYS A 49 -24.95 -4.47 18.50
N TRP A 50 -25.27 -3.19 18.36
CA TRP A 50 -25.38 -2.31 19.56
C TRP A 50 -26.67 -1.51 19.50
N SER A 51 -26.99 -0.88 20.61
CA SER A 51 -28.25 -0.16 20.77
C SER A 51 -27.86 0.97 21.68
N ASP A 52 -28.14 2.19 21.24
CA ASP A 52 -27.45 3.41 21.68
C ASP A 52 -26.76 4.02 20.45
N ILE A 53 -26.24 5.22 20.60
CA ILE A 53 -25.56 5.90 19.54
C ILE A 53 -24.06 5.80 19.72
N TRP A 54 -23.41 5.16 18.74
CA TRP A 54 -21.99 5.00 18.77
C TRP A 54 -21.38 6.28 18.27
N ASN A 55 -20.56 6.90 19.08
CA ASN A 55 -19.98 8.18 18.73
C ASN A 55 -18.71 7.98 17.87
N ALA A 56 -18.80 8.30 16.57
CA ALA A 56 -17.70 8.12 15.63
C ALA A 56 -17.01 9.45 15.39
N THR A 57 -16.43 10.00 16.45
CA THR A 57 -15.99 11.38 16.38
C THR A 57 -14.50 11.51 16.66
N LYS A 58 -13.79 10.41 16.75
CA LYS A 58 -12.32 10.48 16.81
C LYS A 58 -11.71 9.27 16.15
N TYR A 59 -10.51 9.42 15.59
CA TYR A 59 -9.81 8.21 15.14
C TYR A 59 -9.69 7.11 16.23
N ALA A 60 -9.84 5.85 15.83
CA ALA A 60 -9.76 4.72 16.79
C ALA A 60 -8.28 4.30 16.96
N ASN A 61 -8.05 3.38 17.89
CA ASN A 61 -6.79 2.69 18.01
C ASN A 61 -6.23 2.17 16.69
N SER A 62 -4.93 2.43 16.46
CA SER A 62 -4.16 1.73 15.44
C SER A 62 -3.83 0.29 15.95
N CYS A 63 -3.69 -0.69 15.03
CA CYS A 63 -3.24 -2.04 15.37
C CYS A 63 -1.80 -2.13 15.97
N CYS A 64 -1.53 -3.15 16.79
CA CYS A 64 -0.20 -3.28 17.41
C CYS A 64 0.79 -3.39 16.30
N GLN A 65 1.94 -2.76 16.50
CA GLN A 65 2.94 -2.78 15.48
C GLN A 65 4.25 -2.19 16.08
N ASN A 66 5.40 -2.66 15.58
CA ASN A 66 6.66 -1.98 15.78
C ASN A 66 6.70 -0.63 15.08
N ILE A 67 7.52 0.25 15.59
CA ILE A 67 7.57 1.60 15.17
C ILE A 67 8.95 1.94 14.61
N ASP A 68 8.99 2.82 13.60
CA ASP A 68 10.25 3.31 13.00
C ASP A 68 11.01 4.31 13.94
N GLN A 69 12.07 3.87 14.61
CA GLN A 69 12.84 4.73 15.56
C GLN A 69 14.19 5.12 15.00
N SER A 70 14.39 4.95 13.69
CA SER A 70 15.71 5.27 13.10
C SER A 70 15.98 6.78 13.10
N PHE A 71 14.96 7.64 12.98
CA PHE A 71 15.25 9.10 12.99
C PHE A 71 14.31 9.86 13.93
N PRO A 72 14.46 9.66 15.26
CA PRO A 72 13.49 10.31 16.17
C PRO A 72 13.54 11.83 16.00
N GLY A 73 12.38 12.47 16.03
CA GLY A 73 12.26 13.94 15.87
C GLY A 73 12.21 14.40 14.41
N PHE A 74 12.32 13.48 13.47
CA PHE A 74 12.45 13.84 12.05
C PHE A 74 11.15 13.54 11.38
N HIS A 75 10.56 14.56 10.77
CA HIS A 75 9.21 14.47 10.18
C HIS A 75 9.15 13.51 9.00
N GLY A 76 10.28 13.36 8.30
CA GLY A 76 10.31 12.50 7.13
C GLY A 76 9.97 11.07 7.51
N SER A 77 10.43 10.60 8.70
CA SER A 77 10.08 9.22 9.05
C SER A 77 8.87 9.21 9.93
N GLU A 78 8.84 10.13 10.87
CA GLU A 78 7.80 10.13 11.87
C GLU A 78 6.39 10.37 11.33
N MET A 79 6.26 11.09 10.22
CA MET A 79 4.94 11.25 9.60
C MET A 79 4.24 9.91 9.30
N TRP A 80 4.98 8.78 9.28
CA TRP A 80 4.44 7.44 8.92
C TRP A 80 4.11 6.56 10.14
N ASN A 81 4.65 6.95 11.30
CA ASN A 81 4.34 6.32 12.54
C ASN A 81 2.90 6.57 12.98
N PRO A 82 2.35 5.65 13.76
CA PRO A 82 0.96 5.71 14.14
C PRO A 82 0.69 6.91 15.04
N ASN A 83 -0.47 7.57 14.90
CA ASN A 83 -0.81 8.79 15.63
C ASN A 83 -2.03 8.57 16.51
N THR A 84 -2.41 7.32 16.72
CA THR A 84 -3.36 6.97 17.80
C THR A 84 -2.78 5.78 18.59
N ASP A 85 -3.27 5.54 19.80
CA ASP A 85 -2.88 4.37 20.59
C ASP A 85 -2.86 3.09 19.86
N LEU A 86 -1.87 2.27 20.19
CA LEU A 86 -1.74 0.93 19.65
C LEU A 86 -2.57 -0.01 20.53
N SER A 87 -3.33 -0.90 19.94
CA SER A 87 -4.05 -1.87 20.74
C SER A 87 -4.41 -3.02 19.77
N GLU A 88 -4.52 -4.25 20.26
CA GLU A 88 -5.19 -5.32 19.46
C GLU A 88 -6.65 -4.95 19.11
N ASP A 89 -7.23 -4.05 19.90
CA ASP A 89 -8.57 -3.65 19.67
C ASP A 89 -8.54 -2.50 18.62
N CYS A 90 -8.49 -2.84 17.33
CA CYS A 90 -8.15 -1.84 16.30
C CYS A 90 -8.98 -2.01 15.03
N LEU A 91 -10.02 -2.83 15.07
CA LEU A 91 -10.74 -3.11 13.79
C LEU A 91 -11.85 -2.08 13.63
N TYR A 92 -11.47 -0.92 13.10
CA TYR A 92 -12.39 0.22 12.95
C TYR A 92 -12.11 0.79 11.58
N LEU A 93 -13.06 1.63 11.15
CA LEU A 93 -13.01 2.27 9.86
C LEU A 93 -13.62 3.71 9.98
N ASN A 94 -13.30 4.55 8.98
CA ASN A 94 -13.66 5.94 8.88
C ASN A 94 -14.48 6.15 7.63
N VAL A 95 -15.45 7.06 7.71
CA VAL A 95 -16.24 7.39 6.55
C VAL A 95 -16.29 8.91 6.41
N TRP A 96 -15.93 9.42 5.24
CA TRP A 96 -16.08 10.88 5.02
C TRP A 96 -17.14 11.06 3.97
N ILE A 97 -18.17 11.85 4.27
CA ILE A 97 -19.22 12.09 3.27
C ILE A 97 -19.36 13.59 2.98
N PRO A 98 -19.70 13.92 1.72
CA PRO A 98 -19.98 15.31 1.39
C PRO A 98 -21.21 15.81 2.19
N ALA A 99 -21.31 17.12 2.40
CA ALA A 99 -22.49 17.74 3.00
C ALA A 99 -22.95 18.78 1.99
N PRO A 100 -24.24 18.79 1.65
CA PRO A 100 -25.24 17.85 2.13
C PRO A 100 -24.98 16.45 1.63
N LYS A 101 -25.40 15.48 2.44
CA LYS A 101 -25.48 14.06 2.14
C LYS A 101 -25.73 13.78 0.65
N PRO A 102 -24.82 13.09 -0.03
CA PRO A 102 -24.97 12.84 -1.43
C PRO A 102 -26.16 11.86 -1.61
N LYS A 103 -26.61 11.70 -2.85
CA LYS A 103 -27.69 10.78 -3.16
C LYS A 103 -27.13 9.40 -3.57
N ASN A 104 -26.17 9.35 -4.48
CA ASN A 104 -25.69 8.01 -4.81
C ASN A 104 -24.20 8.07 -5.19
N ALA A 105 -23.38 8.45 -4.22
CA ALA A 105 -22.01 8.83 -4.51
C ALA A 105 -21.12 7.59 -4.69
N THR A 106 -20.22 7.71 -5.66
CA THR A 106 -19.10 6.76 -5.76
C THR A 106 -18.28 6.74 -4.45
N VAL A 107 -17.75 5.56 -4.14
CA VAL A 107 -17.04 5.29 -2.92
C VAL A 107 -15.57 4.92 -3.23
N LEU A 108 -14.63 5.57 -2.53
CA LEU A 108 -13.19 5.32 -2.65
C LEU A 108 -12.74 4.69 -1.35
N ILE A 109 -12.14 3.49 -1.41
CA ILE A 109 -11.76 2.83 -0.13
C ILE A 109 -10.29 2.69 -0.09
N TRP A 110 -9.66 3.35 0.89
CA TRP A 110 -8.21 3.42 0.96
C TRP A 110 -7.64 2.27 1.78
N ILE A 111 -6.62 1.57 1.29
CA ILE A 111 -5.94 0.53 2.06
C ILE A 111 -4.49 1.00 2.21
N TYR A 112 -4.06 1.36 3.43
CA TYR A 112 -2.68 1.87 3.66
C TYR A 112 -1.61 0.79 3.46
N GLY A 113 -0.38 1.23 3.17
CA GLY A 113 0.78 0.31 3.18
C GLY A 113 1.57 0.41 4.52
N GLY A 114 2.79 -0.11 4.55
CA GLY A 114 3.56 -0.23 5.78
C GLY A 114 4.19 -1.63 5.77
N GLY A 115 4.34 -2.24 4.58
CA GLY A 115 5.05 -3.53 4.51
C GLY A 115 4.23 -4.69 5.08
N PHE A 116 2.92 -4.48 5.34
CA PHE A 116 2.12 -5.48 6.08
C PHE A 116 2.62 -5.63 7.54
N GLN A 117 3.53 -4.74 8.00
CA GLN A 117 4.04 -4.84 9.38
C GLN A 117 3.55 -3.64 10.16
N THR A 118 3.18 -2.56 9.46
CA THR A 118 2.93 -1.28 10.04
C THR A 118 1.80 -0.54 9.25
N GLY A 119 1.36 0.60 9.80
CA GLY A 119 0.46 1.48 9.11
C GLY A 119 -0.81 1.72 9.92
N THR A 120 -1.49 2.78 9.59
CA THR A 120 -2.75 3.03 10.22
C THR A 120 -3.54 3.98 9.30
N SER A 121 -4.87 3.89 9.36
CA SER A 121 -5.69 4.74 8.48
C SER A 121 -5.80 6.21 8.92
N SER A 122 -5.35 6.54 10.12
CA SER A 122 -5.50 7.89 10.66
C SER A 122 -4.35 8.88 10.34
N LEU A 123 -3.35 8.50 9.58
CA LEU A 123 -2.32 9.47 9.24
C LEU A 123 -2.96 10.64 8.49
N HIS A 124 -2.38 11.80 8.74
CA HIS A 124 -2.67 13.03 8.10
C HIS A 124 -2.74 12.93 6.54
N VAL A 125 -1.82 12.18 5.94
CA VAL A 125 -1.71 12.11 4.48
C VAL A 125 -2.79 11.25 3.92
N TYR A 126 -3.57 10.58 4.79
CA TYR A 126 -4.71 9.74 4.33
C TYR A 126 -6.10 10.35 4.69
N ASP A 127 -6.10 11.61 5.09
CA ASP A 127 -7.33 12.25 5.55
C ASP A 127 -8.26 12.42 4.33
N GLY A 128 -9.39 11.70 4.31
CA GLY A 128 -10.24 11.78 3.16
C GLY A 128 -11.18 12.98 3.04
N LYS A 129 -11.06 13.96 3.94
CA LYS A 129 -11.99 15.07 3.89
C LYS A 129 -11.86 15.98 2.62
N PHE A 130 -10.70 16.03 2.00
CA PHE A 130 -10.49 16.94 0.86
C PHE A 130 -11.16 16.34 -0.37
N LEU A 131 -10.97 15.04 -0.58
CA LEU A 131 -11.66 14.32 -1.66
C LEU A 131 -13.19 14.38 -1.51
N ALA A 132 -13.72 14.33 -0.28
CA ALA A 132 -15.19 14.37 -0.13
C ALA A 132 -15.67 15.79 -0.46
N ARG A 133 -15.00 16.79 0.05
CA ARG A 133 -15.31 18.19 -0.29
C ARG A 133 -15.27 18.51 -1.82
N VAL A 134 -14.16 18.14 -2.47
CA VAL A 134 -13.82 18.68 -3.78
C VAL A 134 -14.49 17.83 -4.86
N GLU A 135 -14.50 16.50 -4.70
CA GLU A 135 -15.02 15.62 -5.74
C GLU A 135 -16.40 15.05 -5.41
N ARG A 136 -16.88 15.35 -4.20
CA ARG A 136 -18.19 14.82 -3.76
C ARG A 136 -18.26 13.29 -3.84
N VAL A 137 -17.14 12.63 -3.61
CA VAL A 137 -17.11 11.20 -3.40
C VAL A 137 -17.19 10.88 -1.90
N ILE A 138 -17.54 9.64 -1.55
CA ILE A 138 -17.43 9.19 -0.14
C ILE A 138 -16.07 8.44 -0.01
N VAL A 139 -15.32 8.71 1.03
CA VAL A 139 -14.05 8.06 1.18
C VAL A 139 -14.12 7.17 2.43
N VAL A 140 -13.67 5.94 2.32
CA VAL A 140 -13.69 5.01 3.44
C VAL A 140 -12.21 4.50 3.60
N SER A 141 -11.78 4.32 4.87
CA SER A 141 -10.52 3.67 5.19
C SER A 141 -10.65 2.81 6.46
N MET A 142 -9.97 1.66 6.52
CA MET A 142 -10.03 0.75 7.65
C MET A 142 -8.64 0.46 8.22
N ASN A 143 -8.59 0.23 9.53
CA ASN A 143 -7.44 -0.40 10.11
C ASN A 143 -7.54 -1.92 9.95
N TYR A 144 -6.39 -2.55 9.66
CA TYR A 144 -6.36 -4.00 9.49
C TYR A 144 -5.12 -4.45 10.20
N ARG A 145 -5.11 -5.68 10.73
CA ARG A 145 -4.02 -6.17 11.56
C ARG A 145 -2.78 -6.35 10.72
N VAL A 146 -1.61 -6.09 11.33
CA VAL A 146 -0.33 -6.14 10.62
C VAL A 146 0.66 -7.04 11.43
N GLY A 147 1.79 -7.43 10.85
CA GLY A 147 2.81 -8.26 11.57
C GLY A 147 2.26 -9.64 11.81
N ALA A 148 2.82 -10.38 12.78
CA ALA A 148 2.39 -11.72 13.08
C ALA A 148 0.96 -11.67 13.49
N LEU A 149 0.52 -10.59 14.16
CA LEU A 149 -0.87 -10.57 14.62
C LEU A 149 -1.87 -10.59 13.45
N GLY A 150 -1.42 -10.08 12.31
CA GLY A 150 -2.22 -10.01 11.07
C GLY A 150 -1.93 -11.16 10.09
N PHE A 151 -0.75 -11.76 10.13
CA PHE A 151 -0.38 -12.64 9.05
C PHE A 151 0.37 -13.91 9.41
N LEU A 152 0.51 -14.18 10.74
CA LEU A 152 1.01 -15.49 11.15
C LEU A 152 0.23 -16.63 10.43
N ALA A 153 0.97 -17.64 9.96
CA ALA A 153 0.37 -18.69 9.19
C ALA A 153 0.89 -20.07 9.58
N LEU A 154 -0.04 -20.93 9.91
CA LEU A 154 0.23 -22.35 10.00
C LEU A 154 -0.79 -22.94 9.00
N PRO A 155 -0.41 -23.10 7.72
CA PRO A 155 -1.57 -22.98 6.80
C PRO A 155 -2.48 -24.24 6.80
N GLY A 156 -3.78 -24.02 6.56
CA GLY A 156 -4.80 -25.05 6.83
C GLY A 156 -5.43 -25.14 8.23
N ASN A 157 -4.73 -24.61 9.25
CA ASN A 157 -5.20 -24.55 10.65
C ASN A 157 -5.98 -23.27 10.99
N PRO A 158 -7.29 -23.40 11.30
CA PRO A 158 -8.10 -22.15 11.49
C PRO A 158 -7.76 -21.35 12.75
N GLU A 159 -6.84 -21.85 13.58
CA GLU A 159 -6.38 -21.07 14.76
C GLU A 159 -5.43 -19.96 14.34
N ALA A 160 -4.81 -20.15 13.18
CA ALA A 160 -3.80 -19.22 12.59
C ALA A 160 -3.67 -19.57 11.10
N PRO A 161 -4.72 -19.27 10.32
CA PRO A 161 -4.74 -19.75 8.94
C PRO A 161 -3.91 -18.88 8.00
N GLY A 162 -3.48 -17.69 8.43
CA GLY A 162 -2.84 -16.75 7.51
C GLY A 162 -3.79 -15.72 6.94
N ASN A 163 -3.26 -14.63 6.39
CA ASN A 163 -4.06 -13.60 5.70
C ASN A 163 -5.16 -12.92 6.52
N MET A 164 -5.11 -13.05 7.85
CA MET A 164 -6.14 -12.46 8.69
C MET A 164 -6.33 -10.97 8.37
N GLY A 165 -5.25 -10.23 8.12
CA GLY A 165 -5.38 -8.78 7.87
C GLY A 165 -6.02 -8.43 6.51
N LEU A 166 -5.79 -9.28 5.52
CA LEU A 166 -6.54 -9.25 4.25
C LEU A 166 -8.03 -9.60 4.51
N PHE A 167 -8.32 -10.60 5.35
CA PHE A 167 -9.72 -10.82 5.77
C PHE A 167 -10.33 -9.61 6.56
N ASP A 168 -9.52 -8.90 7.35
CA ASP A 168 -9.98 -7.68 7.99
C ASP A 168 -10.38 -6.64 6.88
N GLN A 169 -9.48 -6.39 5.90
CA GLN A 169 -9.82 -5.57 4.77
C GLN A 169 -11.12 -6.08 4.11
N GLN A 170 -11.26 -7.39 3.90
CA GLN A 170 -12.44 -7.86 3.15
C GLN A 170 -13.72 -7.60 3.95
N LEU A 171 -13.65 -7.79 5.27
CA LEU A 171 -14.81 -7.65 6.09
C LEU A 171 -15.20 -6.17 6.08
N ALA A 172 -14.23 -5.26 5.94
CA ALA A 172 -14.58 -3.83 5.83
C ALA A 172 -15.23 -3.54 4.50
N LEU A 173 -14.71 -4.18 3.42
CA LEU A 173 -15.42 -4.09 2.13
C LEU A 173 -16.91 -4.52 2.22
N GLN A 174 -17.18 -5.61 2.97
CA GLN A 174 -18.53 -6.12 3.16
CA GLN A 174 -18.53 -6.10 3.17
C GLN A 174 -19.39 -5.07 3.93
N TRP A 175 -18.76 -4.40 4.90
CA TRP A 175 -19.46 -3.43 5.74
C TRP A 175 -19.97 -2.31 4.81
N VAL A 176 -19.12 -1.90 3.88
CA VAL A 176 -19.46 -0.88 2.91
C VAL A 176 -20.57 -1.44 2.00
N GLN A 177 -20.49 -2.66 1.51
CA GLN A 177 -21.64 -3.18 0.74
C GLN A 177 -22.96 -3.08 1.53
N LYS A 178 -22.95 -3.52 2.79
CA LYS A 178 -24.20 -3.52 3.61
C LYS A 178 -24.66 -2.13 4.11
N ASN A 179 -23.73 -1.20 4.31
CA ASN A 179 -24.09 -0.02 5.05
C ASN A 179 -23.98 1.27 4.30
N ILE A 180 -23.15 1.32 3.27
CA ILE A 180 -22.85 2.63 2.69
C ILE A 180 -24.05 3.35 2.07
N ALA A 181 -25.12 2.66 1.64
CA ALA A 181 -26.27 3.42 1.06
C ALA A 181 -26.90 4.31 2.12
N ALA A 182 -26.78 3.96 3.38
CA ALA A 182 -27.35 4.75 4.49
C ALA A 182 -26.69 6.12 4.62
N PHE A 183 -25.44 6.16 4.20
CA PHE A 183 -24.59 7.36 4.16
C PHE A 183 -24.67 8.14 2.84
N GLY A 184 -25.48 7.65 1.90
CA GLY A 184 -25.58 8.22 0.57
C GLY A 184 -24.63 7.67 -0.48
N GLY A 185 -23.97 6.52 -0.21
CA GLY A 185 -23.02 5.93 -1.15
C GLY A 185 -23.70 4.92 -2.06
N ASN A 186 -23.12 4.70 -3.22
CA ASN A 186 -23.46 3.67 -4.12
C ASN A 186 -22.54 2.43 -3.94
N PRO A 187 -23.03 1.37 -3.25
CA PRO A 187 -22.29 0.12 -3.10
C PRO A 187 -21.90 -0.50 -4.45
N LYS A 188 -22.56 -0.08 -5.55
CA LYS A 188 -22.23 -0.53 -6.88
C LYS A 188 -21.19 0.32 -7.56
N SER A 189 -20.65 1.34 -6.87
CA SER A 189 -19.57 2.08 -7.48
C SER A 189 -18.55 2.32 -6.38
N VAL A 190 -17.66 1.33 -6.17
CA VAL A 190 -16.67 1.33 -5.13
C VAL A 190 -15.32 1.11 -5.80
N THR A 191 -14.33 1.98 -5.57
CA THR A 191 -13.00 1.75 -6.17
C THR A 191 -12.08 1.57 -4.97
N LEU A 192 -11.29 0.49 -4.95
CA LEU A 192 -10.24 0.35 -3.93
C LEU A 192 -9.05 1.12 -4.43
N PHE A 193 -8.37 1.83 -3.49
CA PHE A 193 -7.05 2.34 -3.78
C PHE A 193 -6.16 2.16 -2.61
N GLY A 194 -4.86 2.09 -2.86
CA GLY A 194 -3.90 1.78 -1.80
C GLY A 194 -2.49 2.01 -2.31
N GLU A 195 -1.52 2.20 -1.40
CA GLU A 195 -0.13 2.39 -1.78
C GLU A 195 0.78 1.36 -1.16
N SER A 196 1.80 0.93 -1.92
CA SER A 196 2.84 -0.01 -1.39
C SER A 196 2.12 -1.29 -0.95
N ALA A 197 2.23 -1.76 0.30
CA ALA A 197 1.52 -3.00 0.63
C ALA A 197 -0.01 -2.83 0.49
N GLY A 198 -0.51 -1.58 0.55
CA GLY A 198 -1.94 -1.34 0.40
C GLY A 198 -2.32 -1.60 -1.08
N ALA A 199 -1.41 -1.28 -1.99
CA ALA A 199 -1.55 -1.56 -3.45
C ALA A 199 -1.41 -3.05 -3.70
N ALA A 200 -0.46 -3.70 -3.02
CA ALA A 200 -0.35 -5.18 -3.22
C ALA A 200 -1.66 -5.86 -2.75
N SER A 201 -2.20 -5.39 -1.62
CA SER A 201 -3.49 -5.81 -1.08
C SER A 201 -4.63 -5.60 -2.07
N VAL A 202 -4.69 -4.40 -2.68
CA VAL A 202 -5.71 -4.14 -3.69
C VAL A 202 -5.57 -5.17 -4.84
N SER A 203 -4.33 -5.43 -5.27
CA SER A 203 -4.15 -6.40 -6.35
C SER A 203 -4.62 -7.81 -5.91
N LEU A 204 -4.50 -8.16 -4.64
CA LEU A 204 -4.89 -9.52 -4.18
C LEU A 204 -6.43 -9.63 -4.09
N HIS A 205 -7.12 -8.53 -3.74
CA HIS A 205 -8.57 -8.48 -3.85
C HIS A 205 -9.02 -8.69 -5.29
N LEU A 206 -8.28 -8.24 -6.31
CA LEU A 206 -8.62 -8.62 -7.70
C LEU A 206 -8.53 -10.12 -7.92
N LEU A 207 -7.72 -10.79 -7.12
CA LEU A 207 -7.55 -12.24 -7.28
C LEU A 207 -8.49 -13.02 -6.40
N SER A 208 -8.99 -12.44 -5.32
CA SER A 208 -9.71 -13.28 -4.35
C SER A 208 -11.16 -13.42 -4.70
N PRO A 209 -11.65 -14.65 -4.78
CA PRO A 209 -13.06 -14.75 -5.19
C PRO A 209 -14.06 -14.18 -4.16
N GLY A 210 -13.78 -14.27 -2.87
CA GLY A 210 -14.63 -13.63 -1.88
C GLY A 210 -14.59 -12.10 -1.93
N SER A 211 -13.65 -11.47 -2.65
CA SER A 211 -13.74 -10.02 -2.85
C SER A 211 -14.41 -9.59 -4.15
N HIS A 212 -14.59 -10.48 -5.10
CA HIS A 212 -15.07 -10.12 -6.45
C HIS A 212 -16.32 -9.24 -6.39
N SER A 213 -17.26 -9.48 -5.49
CA SER A 213 -18.48 -8.69 -5.57
C SER A 213 -18.49 -7.54 -4.62
N LEU A 214 -17.35 -7.25 -3.95
CA LEU A 214 -17.29 -6.21 -2.93
C LEU A 214 -16.75 -4.91 -3.49
N PHE A 215 -16.47 -4.85 -4.79
CA PHE A 215 -15.94 -3.58 -5.34
C PHE A 215 -16.03 -3.59 -6.84
N THR A 216 -15.92 -2.41 -7.45
CA THR A 216 -16.01 -2.26 -8.87
C THR A 216 -14.65 -2.11 -9.54
N ARG A 217 -13.80 -1.19 -9.06
CA ARG A 217 -12.50 -1.14 -9.72
C ARG A 217 -11.34 -0.82 -8.81
N ALA A 218 -10.13 -0.67 -9.37
CA ALA A 218 -8.93 -0.66 -8.53
C ALA A 218 -7.83 0.27 -9.04
N ILE A 219 -7.20 0.88 -8.05
CA ILE A 219 -6.06 1.80 -8.21
C ILE A 219 -4.84 1.24 -7.40
N LEU A 220 -3.69 1.08 -8.06
CA LEU A 220 -2.48 0.52 -7.38
C LEU A 220 -1.31 1.51 -7.42
N GLN A 221 -1.03 2.16 -6.29
CA GLN A 221 0.07 3.11 -6.18
C GLN A 221 1.33 2.45 -5.62
N SER A 222 2.34 2.30 -6.50
CA SER A 222 3.65 1.75 -6.01
C SER A 222 3.47 0.39 -5.28
N GLY A 223 2.82 -0.59 -5.95
CA GLY A 223 2.73 -1.93 -5.32
C GLY A 223 1.85 -2.85 -6.17
N SER A 224 2.12 -4.14 -6.10
CA SER A 224 1.26 -5.14 -6.72
C SER A 224 1.77 -6.44 -6.14
N PHE A 225 0.97 -7.54 -6.19
CA PHE A 225 1.33 -8.70 -5.37
C PHE A 225 2.49 -9.47 -6.01
N ASN A 226 2.84 -9.22 -7.30
CA ASN A 226 3.96 -9.93 -7.92
C ASN A 226 5.31 -9.27 -7.55
N ALA A 227 5.31 -8.22 -6.71
CA ALA A 227 6.57 -7.60 -6.24
C ALA A 227 7.29 -8.63 -5.36
N PRO A 228 8.63 -8.66 -5.37
CA PRO A 228 9.25 -9.80 -4.63
C PRO A 228 9.04 -9.81 -3.09
N TRP A 229 8.54 -8.72 -2.51
CA TRP A 229 8.31 -8.72 -1.07
C TRP A 229 6.86 -9.04 -0.75
N ALA A 230 6.00 -9.29 -1.69
CA ALA A 230 4.57 -9.16 -1.33
C ALA A 230 3.93 -10.42 -0.89
N VAL A 231 4.47 -11.58 -1.28
CA VAL A 231 3.82 -12.79 -0.90
C VAL A 231 4.83 -13.77 -0.28
N THR A 232 4.52 -14.30 0.90
CA THR A 232 5.39 -15.29 1.57
C THR A 232 5.10 -16.72 1.10
N SER A 233 6.14 -17.50 0.80
CA SER A 233 5.95 -18.93 0.45
C SER A 233 5.43 -19.74 1.65
N LEU A 234 4.70 -20.83 1.40
CA LEU A 234 4.30 -21.75 2.47
C LEU A 234 5.47 -22.19 3.32
N TYR A 235 6.53 -22.62 2.64
CA TYR A 235 7.79 -22.94 3.29
C TYR A 235 8.28 -21.83 4.24
N GLU A 236 8.43 -20.60 3.74
N GLU A 236 8.42 -20.61 3.70
CA GLU A 236 8.97 -19.59 4.64
CA GLU A 236 8.90 -19.47 4.49
C GLU A 236 7.99 -19.19 5.75
C GLU A 236 8.00 -19.22 5.70
N ALA A 237 6.69 -19.19 5.47
CA ALA A 237 5.67 -18.95 6.52
C ALA A 237 5.76 -19.99 7.67
N ARG A 238 5.65 -21.30 7.37
CA ARG A 238 5.84 -22.30 8.48
C ARG A 238 7.12 -22.06 9.24
N ASN A 239 8.24 -21.83 8.54
CA ASN A 239 9.52 -21.67 9.21
C ASN A 239 9.49 -20.48 10.16
N ARG A 240 8.81 -19.40 9.73
CA ARG A 240 8.75 -18.17 10.50
C ARG A 240 7.82 -18.29 11.73
N THR A 241 6.65 -18.91 11.53
CA THR A 241 5.75 -19.24 12.65
C THR A 241 6.51 -20.08 13.71
N LEU A 242 7.21 -21.15 13.32
CA LEU A 242 7.96 -21.96 14.33
C LEU A 242 9.20 -21.28 14.89
N ASN A 243 9.86 -20.48 14.05
CA ASN A 243 10.85 -19.56 14.59
C ASN A 243 10.28 -18.60 15.66
N LEU A 244 9.14 -17.96 15.37
CA LEU A 244 8.44 -17.17 16.38
C LEU A 244 8.19 -17.96 17.70
N ALA A 245 7.69 -19.22 17.59
CA ALA A 245 7.43 -20.07 18.75
C ALA A 245 8.69 -20.31 19.58
N LYS A 246 9.74 -20.77 18.92
CA LYS A 246 11.06 -20.98 19.52
C LYS A 246 11.41 -19.73 20.31
N LEU A 247 11.39 -18.56 19.68
CA LEU A 247 11.79 -17.29 20.38
C LEU A 247 10.94 -16.89 21.59
N THR A 248 9.67 -17.28 21.59
CA THR A 248 8.76 -16.89 22.66
C THR A 248 8.59 -18.03 23.65
N GLY A 249 9.31 -19.12 23.45
CA GLY A 249 9.22 -20.23 24.44
C GLY A 249 7.95 -21.02 24.22
N CYS A 250 7.42 -20.96 23.00
CA CYS A 250 6.16 -21.63 22.64
C CYS A 250 6.31 -22.85 21.71
N SER A 251 7.53 -23.29 21.43
CA SER A 251 7.70 -24.59 20.74
C SER A 251 6.89 -25.68 21.50
N ARG A 252 5.98 -26.33 20.78
CA ARG A 252 5.18 -27.48 21.26
C ARG A 252 5.14 -28.46 20.11
N GLU A 253 4.63 -29.64 20.40
CA GLU A 253 4.50 -30.68 19.41
C GLU A 253 3.13 -30.64 18.65
N ASN A 254 2.04 -30.43 19.37
CA ASN A 254 0.71 -30.24 18.76
C ASN A 254 0.77 -28.79 18.31
N GLU A 255 0.50 -28.55 17.02
CA GLU A 255 0.55 -27.19 16.46
C GLU A 255 -0.56 -26.30 16.98
N THR A 256 -1.73 -26.87 17.33
CA THR A 256 -2.85 -26.10 17.89
C THR A 256 -2.46 -25.58 19.26
N GLU A 257 -1.48 -26.26 19.84
CA GLU A 257 -0.92 -25.91 21.14
C GLU A 257 0.11 -24.78 21.03
N ILE A 258 0.95 -24.80 20.01
CA ILE A 258 1.79 -23.64 19.70
C ILE A 258 0.98 -22.33 19.67
N ILE A 259 -0.14 -22.37 19.00
CA ILE A 259 -0.98 -21.19 18.80
C ILE A 259 -1.63 -20.79 20.10
N LYS A 260 -2.06 -21.78 20.86
CA LYS A 260 -2.68 -21.51 22.14
C LYS A 260 -1.64 -20.83 23.05
N CYS A 261 -0.41 -21.36 23.10
CA CYS A 261 0.71 -20.70 23.83
C CYS A 261 0.89 -19.25 23.32
N LEU A 262 0.93 -19.08 22.00
CA LEU A 262 1.15 -17.77 21.40
C LEU A 262 0.03 -16.79 21.77
N ARG A 263 -1.14 -17.32 22.11
CA ARG A 263 -2.27 -16.54 22.52
C ARG A 263 -2.13 -16.06 23.97
N ASN A 264 -1.28 -16.71 24.76
CA ASN A 264 -1.02 -16.24 26.11
C ASN A 264 0.09 -15.23 26.18
N LYS A 265 0.79 -15.00 25.08
CA LYS A 265 1.89 -14.01 25.12
C LYS A 265 1.40 -12.57 25.10
N ASP A 266 2.08 -11.70 25.84
CA ASP A 266 1.86 -10.25 25.76
C ASP A 266 2.09 -9.77 24.31
N PRO A 267 1.24 -8.86 23.81
CA PRO A 267 1.52 -8.53 22.42
C PRO A 267 2.95 -8.00 22.20
N GLN A 268 3.57 -7.43 23.25
CA GLN A 268 4.94 -6.88 23.11
C GLN A 268 5.97 -7.95 22.82
N GLU A 269 5.79 -9.14 23.40
CA GLU A 269 6.77 -10.20 23.20
C GLU A 269 6.70 -10.75 21.75
N ILE A 270 5.50 -10.80 21.19
CA ILE A 270 5.34 -11.18 19.82
C ILE A 270 6.04 -10.11 18.97
N LEU A 271 5.73 -8.82 19.21
CA LEU A 271 6.34 -7.74 18.39
C LEU A 271 7.86 -7.74 18.47
N LEU A 272 8.39 -7.97 19.70
CA LEU A 272 9.83 -7.84 19.91
C LEU A 272 10.56 -8.95 19.12
N ASN A 273 9.91 -10.09 18.89
CA ASN A 273 10.59 -11.23 18.22
C ASN A 273 10.37 -11.35 16.70
N GLU A 274 9.45 -10.56 16.17
CA GLU A 274 9.13 -10.59 14.77
C GLU A 274 10.38 -10.42 13.87
N ALA A 275 11.29 -9.52 14.27
CA ALA A 275 12.42 -9.16 13.40
C ALA A 275 13.35 -10.36 13.22
N PHE A 276 13.41 -11.18 14.25
CA PHE A 276 14.33 -12.29 14.28
C PHE A 276 13.84 -13.62 13.70
N VAL A 277 12.62 -13.70 13.15
CA VAL A 277 12.12 -15.00 12.64
C VAL A 277 12.84 -15.43 11.34
N VAL A 278 13.68 -14.55 10.84
CA VAL A 278 14.37 -14.67 9.55
C VAL A 278 15.90 -14.62 9.90
N PRO A 279 16.76 -15.39 9.20
CA PRO A 279 18.21 -15.33 9.56
C PRO A 279 18.90 -14.00 9.19
N TYR A 280 18.41 -13.31 8.16
CA TYR A 280 18.95 -12.00 7.80
C TYR A 280 17.87 -11.21 7.08
N GLY A 281 17.45 -10.08 7.60
CA GLY A 281 16.46 -9.33 6.80
C GLY A 281 17.15 -8.23 6.04
N THR A 282 16.35 -7.41 5.42
CA THR A 282 16.87 -6.32 4.66
C THR A 282 15.93 -5.16 5.04
N PRO A 283 16.24 -3.95 4.57
CA PRO A 283 15.23 -2.89 4.86
C PRO A 283 13.90 -3.14 4.20
N LEU A 284 13.82 -4.15 3.32
CA LEU A 284 12.60 -4.37 2.61
C LEU A 284 11.86 -5.64 3.10
N SER A 285 12.27 -6.15 4.26
CA SER A 285 11.74 -7.44 4.74
C SER A 285 10.28 -7.41 5.09
N VAL A 286 9.55 -8.41 4.64
CA VAL A 286 8.18 -8.53 5.04
C VAL A 286 8.14 -9.86 5.75
N ASN A 287 8.34 -9.87 7.04
CA ASN A 287 8.47 -11.16 7.71
C ASN A 287 7.13 -11.98 7.77
N PHE A 288 6.00 -11.27 7.94
CA PHE A 288 4.66 -11.86 8.09
C PHE A 288 3.81 -11.16 7.08
N GLY A 289 3.52 -11.79 5.97
CA GLY A 289 2.75 -11.16 4.90
C GLY A 289 1.76 -12.17 4.34
N PRO A 290 1.12 -11.84 3.22
CA PRO A 290 0.12 -12.71 2.56
C PRO A 290 0.71 -14.08 2.26
N THR A 291 -0.07 -15.13 2.35
CA THR A 291 0.42 -16.44 1.96
C THR A 291 -0.68 -17.03 1.08
N VAL A 292 -0.38 -18.11 0.36
CA VAL A 292 -1.40 -18.89 -0.28
C VAL A 292 -2.12 -19.75 0.79
N ASP A 293 -3.27 -19.32 1.25
CA ASP A 293 -3.93 -20.04 2.36
C ASP A 293 -5.03 -21.04 1.90
N GLY A 294 -5.33 -21.08 0.61
CA GLY A 294 -6.42 -21.94 0.14
C GLY A 294 -7.79 -21.35 0.43
N ASP A 295 -7.85 -20.08 0.83
CA ASP A 295 -9.11 -19.48 1.32
C ASP A 295 -9.16 -18.11 0.63
N PHE A 296 -8.46 -17.12 1.20
CA PHE A 296 -8.38 -15.83 0.52
C PHE A 296 -7.70 -15.97 -0.86
N LEU A 297 -6.60 -16.71 -0.90
CA LEU A 297 -5.83 -16.93 -2.07
C LEU A 297 -5.87 -18.42 -2.38
N THR A 298 -6.48 -18.81 -3.51
CA THR A 298 -6.65 -20.21 -3.85
C THR A 298 -5.45 -20.90 -4.50
N ASP A 299 -4.45 -20.14 -4.98
CA ASP A 299 -3.33 -20.74 -5.73
C ASP A 299 -2.21 -19.71 -5.73
N MET A 300 -1.03 -20.06 -6.19
CA MET A 300 0.03 -19.08 -6.26
C MET A 300 -0.36 -17.91 -7.13
N PRO A 301 -0.22 -16.68 -6.63
CA PRO A 301 -0.90 -15.65 -7.41
C PRO A 301 -0.27 -15.40 -8.80
N ASP A 302 1.00 -15.73 -9.00
CA ASP A 302 1.60 -15.59 -10.31
C ASP A 302 0.85 -16.43 -11.38
N ILE A 303 0.35 -17.58 -10.93
CA ILE A 303 -0.37 -18.53 -11.78
C ILE A 303 -1.75 -17.93 -12.14
N LEU A 304 -2.45 -17.32 -11.17
CA LEU A 304 -3.76 -16.73 -11.40
C LEU A 304 -3.65 -15.58 -12.42
N LEU A 305 -2.68 -14.67 -12.19
CA LEU A 305 -2.39 -13.56 -13.09
C LEU A 305 -2.12 -14.09 -14.52
N GLU A 306 -1.17 -15.02 -14.62
CA GLU A 306 -0.72 -15.46 -15.92
C GLU A 306 -1.91 -16.09 -16.67
N LEU A 307 -2.83 -16.76 -15.93
CA LEU A 307 -3.86 -17.61 -16.59
C LEU A 307 -5.20 -16.93 -16.54
N GLY A 308 -5.17 -15.67 -16.15
CA GLY A 308 -6.33 -14.77 -16.35
C GLY A 308 -7.42 -14.99 -15.32
N GLN A 309 -7.06 -15.50 -14.13
CA GLN A 309 -8.05 -15.76 -13.13
C GLN A 309 -8.14 -14.61 -12.15
N PHE A 310 -8.84 -13.52 -12.53
CA PHE A 310 -8.98 -12.38 -11.66
C PHE A 310 -10.22 -11.55 -12.07
N LYS A 311 -10.61 -10.57 -11.24
CA LYS A 311 -11.81 -9.79 -11.54
C LYS A 311 -11.59 -8.98 -12.85
N LYS A 312 -12.48 -9.08 -13.83
CA LYS A 312 -12.31 -8.32 -15.09
C LYS A 312 -12.89 -6.92 -14.89
N THR A 313 -12.03 -5.90 -14.86
CA THR A 313 -12.44 -4.53 -14.58
C THR A 313 -11.29 -3.61 -14.97
N GLN A 314 -11.43 -2.31 -14.81
CA GLN A 314 -10.36 -1.37 -15.24
C GLN A 314 -9.40 -1.20 -14.09
N ILE A 315 -8.13 -0.91 -14.38
CA ILE A 315 -7.20 -0.63 -13.31
C ILE A 315 -6.41 0.62 -13.63
N LEU A 316 -5.96 1.30 -12.57
CA LEU A 316 -5.07 2.42 -12.71
C LEU A 316 -3.82 2.06 -11.86
N VAL A 317 -2.65 2.11 -12.47
CA VAL A 317 -1.42 1.59 -11.79
C VAL A 317 -0.35 2.67 -11.99
N GLY A 318 0.52 2.87 -11.00
CA GLY A 318 1.64 3.82 -11.23
C GLY A 318 2.77 3.67 -10.24
N VAL A 319 3.85 4.44 -10.46
CA VAL A 319 5.03 4.35 -9.62
C VAL A 319 5.67 5.72 -9.64
N ASN A 320 6.61 5.94 -8.72
CA ASN A 320 7.27 7.20 -8.55
C ASN A 320 8.64 7.05 -9.12
N LYS A 321 9.19 8.19 -9.53
CA LYS A 321 10.46 8.17 -10.23
C LYS A 321 11.60 7.59 -9.39
N ASP A 322 11.62 7.85 -8.09
CA ASP A 322 12.72 7.26 -7.29
C ASP A 322 12.22 6.34 -6.15
N GLU A 323 11.47 5.33 -6.49
CA GLU A 323 10.96 4.39 -5.51
C GLU A 323 12.02 3.88 -4.50
N GLY A 324 13.24 3.53 -4.95
CA GLY A 324 14.19 2.80 -4.10
C GLY A 324 14.99 3.64 -3.09
N THR A 325 15.02 4.97 -3.23
CA THR A 325 15.91 5.79 -2.41
C THR A 325 15.62 5.74 -0.89
N ALA A 326 14.34 5.76 -0.54
CA ALA A 326 13.93 5.78 0.86
C ALA A 326 14.67 4.64 1.60
N PHE A 327 14.86 3.49 0.93
CA PHE A 327 15.37 2.28 1.67
C PHE A 327 16.84 2.26 1.89
N LEU A 328 17.54 3.16 1.21
CA LEU A 328 19.01 3.11 1.23
C LEU A 328 19.58 3.64 2.54
N VAL A 329 18.85 4.56 3.18
CA VAL A 329 19.31 5.16 4.42
C VAL A 329 18.95 4.33 5.66
N TYR A 330 18.32 3.17 5.44
CA TYR A 330 18.11 2.16 6.51
C TYR A 330 19.08 1.01 6.40
N GLY A 331 20.32 1.28 5.99
CA GLY A 331 21.34 0.28 6.21
C GLY A 331 22.36 0.10 5.13
N ALA A 332 22.15 0.66 3.95
CA ALA A 332 23.16 0.58 2.91
C ALA A 332 24.36 1.42 3.35
N PRO A 333 25.60 0.86 3.25
CA PRO A 333 26.79 1.59 3.83
C PRO A 333 27.17 2.82 3.00
N GLY A 334 27.52 3.93 3.63
CA GLY A 334 27.88 5.20 2.94
C GLY A 334 26.68 6.13 2.65
N PHE A 335 25.47 5.65 2.92
CA PHE A 335 24.24 6.47 2.74
C PHE A 335 23.85 7.21 3.97
N SER A 336 23.25 8.37 3.77
CA SER A 336 22.83 9.15 4.93
C SER A 336 21.81 10.18 4.51
N LYS A 337 20.75 10.41 5.26
CA LYS A 337 19.86 11.50 4.88
C LYS A 337 20.56 12.86 5.06
N ASP A 338 21.70 12.88 5.78
CA ASP A 338 22.27 14.17 6.20
C ASP A 338 23.52 14.60 5.43
N ASN A 339 23.80 13.88 4.33
CA ASN A 339 24.82 14.25 3.36
C ASN A 339 24.42 13.68 1.98
N ASN A 340 25.28 13.90 0.99
CA ASN A 340 24.94 13.60 -0.40
C ASN A 340 25.19 12.17 -0.84
N SER A 341 25.76 11.37 0.07
CA SER A 341 25.81 9.94 -0.06
C SER A 341 26.55 9.51 -1.32
N ILE A 342 27.63 10.21 -1.66
CA ILE A 342 28.41 9.84 -2.83
C ILE A 342 29.10 8.55 -2.39
N ILE A 343 28.72 7.41 -2.95
CA ILE A 343 29.33 6.15 -2.49
C ILE A 343 30.30 5.56 -3.51
N THR A 344 31.22 4.69 -3.07
CA THR A 344 32.12 4.00 -4.00
C THR A 344 31.56 2.68 -4.60
N ARG A 345 32.24 2.15 -5.60
CA ARG A 345 32.03 0.83 -6.13
C ARG A 345 31.99 -0.23 -5.02
N LYS A 346 32.98 -0.20 -4.13
CA LYS A 346 32.98 -1.11 -2.99
C LYS A 346 31.72 -0.99 -2.13
N GLU A 347 31.29 0.24 -1.87
CA GLU A 347 30.07 0.48 -1.11
C GLU A 347 28.85 -0.05 -1.84
N PHE A 348 28.76 0.22 -3.17
CA PHE A 348 27.66 -0.33 -4.03
C PHE A 348 27.59 -1.85 -3.88
N GLN A 349 28.77 -2.50 -4.02
CA GLN A 349 28.88 -3.95 -3.89
C GLN A 349 28.37 -4.43 -2.49
N GLU A 350 28.86 -3.77 -1.42
CA GLU A 350 28.34 -4.01 -0.07
C GLU A 350 26.81 -3.81 0.03
N GLY A 351 26.30 -2.78 -0.65
CA GLY A 351 24.89 -2.45 -0.62
C GLY A 351 24.03 -3.58 -1.23
N LEU A 352 24.50 -4.18 -2.35
CA LEU A 352 23.83 -5.36 -2.97
C LEU A 352 23.81 -6.51 -2.00
N LYS A 353 24.85 -6.63 -1.19
CA LYS A 353 24.89 -7.73 -0.26
C LYS A 353 23.81 -7.45 0.82
N ILE A 354 23.61 -6.18 1.17
CA ILE A 354 22.57 -5.79 2.13
C ILE A 354 21.15 -6.04 1.54
N PHE A 355 20.94 -5.76 0.26
CA PHE A 355 19.60 -5.88 -0.32
C PHE A 355 19.26 -7.24 -0.91
N PHE A 356 20.28 -8.06 -1.21
CA PHE A 356 20.14 -9.36 -1.87
C PHE A 356 20.95 -10.44 -1.08
N PRO A 357 20.64 -10.58 0.22
CA PRO A 357 21.31 -11.51 1.11
C PRO A 357 21.25 -12.98 0.71
N GLY A 358 20.14 -13.48 0.20
CA GLY A 358 20.17 -14.93 -0.15
C GLY A 358 20.71 -15.21 -1.56
N VAL A 359 21.23 -14.20 -2.23
CA VAL A 359 21.47 -14.30 -3.67
C VAL A 359 22.92 -14.73 -3.95
N SER A 360 23.12 -15.57 -4.96
CA SER A 360 24.45 -16.05 -5.27
C SER A 360 25.38 -14.89 -5.71
N GLU A 361 26.67 -15.08 -5.57
CA GLU A 361 27.67 -14.15 -6.08
CA GLU A 361 27.65 -14.11 -6.07
C GLU A 361 27.44 -13.81 -7.55
N PHE A 362 27.16 -14.83 -8.37
CA PHE A 362 26.86 -14.55 -9.78
C PHE A 362 25.60 -13.65 -9.90
N GLY A 363 24.54 -13.95 -9.15
CA GLY A 363 23.36 -13.12 -9.16
C GLY A 363 23.72 -11.67 -8.87
N LYS A 364 24.55 -11.45 -7.83
CA LYS A 364 24.85 -10.06 -7.45
C LYS A 364 25.72 -9.41 -8.52
N GLU A 365 26.70 -10.13 -9.05
CA GLU A 365 27.48 -9.55 -10.16
C GLU A 365 26.60 -9.21 -11.35
N SER A 366 25.58 -10.03 -11.63
CA SER A 366 24.76 -9.72 -12.84
C SER A 366 24.02 -8.36 -12.66
N ILE A 367 23.67 -8.06 -11.41
CA ILE A 367 23.02 -6.78 -11.08
C ILE A 367 24.03 -5.66 -11.32
N LEU A 368 25.25 -5.85 -10.82
CA LEU A 368 26.30 -4.85 -10.92
C LEU A 368 26.55 -4.58 -12.40
N PHE A 369 26.66 -5.63 -13.17
CA PHE A 369 26.91 -5.52 -14.61
C PHE A 369 25.83 -4.77 -15.36
N HIS A 370 24.56 -5.06 -15.04
CA HIS A 370 23.42 -4.39 -15.72
CA HIS A 370 23.49 -4.40 -15.76
C HIS A 370 23.32 -2.92 -15.34
N TYR A 371 23.71 -2.57 -14.11
CA TYR A 371 23.52 -1.22 -13.66
C TYR A 371 24.72 -0.30 -13.70
N THR A 372 25.91 -0.79 -14.02
CA THR A 372 27.12 0.04 -13.89
C THR A 372 27.82 0.28 -15.20
N ASP A 373 27.12 0.13 -16.30
CA ASP A 373 27.68 0.50 -17.61
C ASP A 373 27.33 1.98 -17.91
N TRP A 374 28.24 2.90 -17.62
CA TRP A 374 27.91 4.30 -17.86
C TRP A 374 28.60 4.75 -19.18
N VAL A 375 28.05 5.68 -19.97
CA VAL A 375 26.84 6.59 -19.81
C VAL A 375 27.02 7.97 -19.14
N ASP A 376 28.22 8.58 -19.19
CA ASP A 376 29.55 7.92 -19.20
C ASP A 376 30.51 8.72 -18.31
N ASP A 377 30.46 10.06 -18.40
CA ASP A 377 31.28 10.94 -17.56
C ASP A 377 31.36 10.25 -16.21
N GLN A 378 32.49 10.38 -15.50
CA GLN A 378 32.51 9.96 -14.07
C GLN A 378 32.51 11.18 -13.12
N ARG A 379 31.40 11.88 -12.87
CA ARG A 379 30.07 11.43 -12.35
C ARG A 379 30.19 10.70 -10.98
N PRO A 380 30.59 11.44 -9.94
CA PRO A 380 30.69 10.84 -8.60
C PRO A 380 29.41 10.18 -8.09
N GLU A 381 28.23 10.66 -8.50
CA GLU A 381 26.92 10.11 -8.04
C GLU A 381 26.51 8.80 -8.73
N ASN A 382 27.35 8.29 -9.66
CA ASN A 382 27.03 7.12 -10.49
C ASN A 382 26.56 5.95 -9.65
N TYR A 383 27.34 5.60 -8.63
CA TYR A 383 26.99 4.41 -7.85
C TYR A 383 25.81 4.70 -6.90
N ARG A 384 25.75 5.90 -6.36
CA ARG A 384 24.61 6.25 -5.48
C ARG A 384 23.27 6.10 -6.25
N GLU A 385 23.24 6.57 -7.49
CA GLU A 385 21.98 6.61 -8.23
C GLU A 385 21.62 5.21 -8.66
N ALA A 386 22.64 4.43 -9.04
CA ALA A 386 22.42 3.04 -9.52
C ALA A 386 21.83 2.21 -8.42
N LEU A 387 22.29 2.40 -7.17
CA LEU A 387 21.76 1.56 -6.11
C LEU A 387 20.28 1.85 -5.84
N GLY A 388 19.91 3.14 -5.86
CA GLY A 388 18.49 3.50 -5.71
C GLY A 388 17.69 2.86 -6.85
N ASP A 389 18.20 2.90 -8.08
CA ASP A 389 17.45 2.31 -9.24
C ASP A 389 17.34 0.79 -9.19
N VAL A 390 18.41 0.13 -8.75
CA VAL A 390 18.34 -1.32 -8.50
C VAL A 390 17.16 -1.60 -7.56
N VAL A 391 17.13 -0.91 -6.42
CA VAL A 391 16.12 -1.24 -5.43
C VAL A 391 14.68 -0.86 -5.92
N GLY A 392 14.57 0.29 -6.56
CA GLY A 392 13.27 0.74 -7.00
C GLY A 392 12.77 -0.14 -8.16
N ASP A 393 13.67 -0.51 -9.09
CA ASP A 393 13.24 -1.27 -10.28
C ASP A 393 12.81 -2.69 -9.88
N TYR A 394 13.60 -3.30 -9.02
CA TYR A 394 13.36 -4.69 -8.64
C TYR A 394 12.10 -4.81 -7.81
N ASN A 395 11.99 -3.96 -6.81
CA ASN A 395 10.91 -4.06 -5.85
C ASN A 395 9.57 -3.43 -6.25
N PHE A 396 9.59 -2.39 -7.07
CA PHE A 396 8.34 -1.66 -7.34
C PHE A 396 8.00 -1.52 -8.84
N ILE A 397 8.93 -0.95 -9.60
CA ILE A 397 8.57 -0.47 -10.95
C ILE A 397 8.41 -1.68 -11.93
N CYS A 398 9.36 -2.62 -12.01
CA CYS A 398 9.17 -3.70 -12.95
C CYS A 398 7.98 -4.62 -12.55
N PRO A 399 7.80 -4.93 -11.26
CA PRO A 399 6.61 -5.75 -10.99
C PRO A 399 5.31 -5.00 -11.35
N ALA A 400 5.24 -3.68 -11.12
CA ALA A 400 4.01 -2.93 -11.47
C ALA A 400 3.79 -3.00 -12.97
N LEU A 401 4.85 -2.86 -13.77
CA LEU A 401 4.63 -2.81 -15.20
C LEU A 401 4.26 -4.23 -15.65
N GLU A 402 4.88 -5.25 -15.05
CA GLU A 402 4.58 -6.61 -15.42
C GLU A 402 3.12 -6.98 -15.07
N PHE A 403 2.68 -6.62 -13.88
CA PHE A 403 1.29 -6.76 -13.48
C PHE A 403 0.35 -6.08 -14.51
N THR A 404 0.66 -4.82 -14.86
CA THR A 404 -0.17 -4.07 -15.79
C THR A 404 -0.22 -4.75 -17.14
N LYS A 405 0.91 -5.24 -17.67
CA LYS A 405 0.86 -5.94 -18.97
C LYS A 405 -0.02 -7.15 -18.87
N LYS A 406 0.24 -8.00 -17.88
CA LYS A 406 -0.48 -9.32 -17.82
C LYS A 406 -1.97 -9.08 -17.59
N PHE A 407 -2.29 -8.08 -16.77
CA PHE A 407 -3.69 -7.78 -16.57
C PHE A 407 -4.39 -7.28 -17.83
N SER A 408 -3.73 -6.39 -18.57
CA SER A 408 -4.37 -5.80 -19.74
C SER A 408 -4.50 -6.85 -20.85
N GLU A 409 -3.68 -7.91 -20.84
CA GLU A 409 -3.75 -8.90 -21.92
C GLU A 409 -5.07 -9.65 -21.90
N TRP A 410 -5.86 -9.52 -20.86
CA TRP A 410 -7.06 -10.27 -20.83
C TRP A 410 -8.18 -9.38 -21.16
N GLY A 411 -7.92 -8.19 -21.73
CA GLY A 411 -9.04 -7.46 -22.37
C GLY A 411 -9.49 -6.18 -21.62
N ASN A 412 -8.98 -5.97 -20.42
CA ASN A 412 -9.49 -4.79 -19.71
CA ASN A 412 -9.33 -4.88 -19.53
C ASN A 412 -8.62 -3.57 -19.89
N ASN A 413 -9.31 -2.42 -19.89
CA ASN A 413 -8.56 -1.14 -19.94
C ASN A 413 -7.68 -0.89 -18.68
N ALA A 414 -6.45 -0.43 -18.89
CA ALA A 414 -5.46 -0.23 -17.83
C ALA A 414 -4.82 1.11 -18.15
N PHE A 415 -4.52 1.87 -17.13
CA PHE A 415 -3.94 3.16 -17.33
C PHE A 415 -2.70 3.19 -16.44
N PHE A 416 -1.56 3.61 -16.95
CA PHE A 416 -0.35 3.56 -16.12
C PHE A 416 0.29 4.98 -15.99
N TYR A 417 0.71 5.37 -14.78
CA TYR A 417 1.32 6.72 -14.61
C TYR A 417 2.75 6.62 -14.06
N TYR A 418 3.56 7.65 -14.32
CA TYR A 418 4.87 7.70 -13.73
C TYR A 418 4.96 9.08 -13.04
N PHE A 419 4.93 9.07 -11.70
CA PHE A 419 4.89 10.30 -10.89
C PHE A 419 6.30 10.87 -10.70
N GLU A 420 6.54 12.09 -11.18
CA GLU A 420 7.92 12.53 -11.16
C GLU A 420 8.03 13.93 -10.57
N HIS A 421 7.12 14.27 -9.65
CA HIS A 421 7.22 15.54 -8.97
C HIS A 421 7.69 15.39 -7.53
N ARG A 422 8.78 16.07 -7.22
CA ARG A 422 9.28 16.13 -5.83
C ARG A 422 8.59 17.24 -5.01
N SER A 423 7.95 16.87 -3.91
CA SER A 423 7.19 17.81 -3.09
C SER A 423 8.13 18.95 -2.59
N SER A 424 7.69 20.20 -2.70
CA SER A 424 8.50 21.35 -2.33
C SER A 424 8.70 21.29 -0.80
N LYS A 425 7.80 20.60 -0.11
CA LYS A 425 7.93 20.47 1.34
C LYS A 425 8.74 19.20 1.79
N LEU A 426 9.23 18.39 0.87
CA LEU A 426 9.88 17.10 1.27
C LEU A 426 11.04 17.27 2.32
N PRO A 427 10.92 16.62 3.50
CA PRO A 427 11.95 16.84 4.57
C PRO A 427 13.21 16.00 4.28
N TRP A 428 13.06 14.97 3.48
CA TRP A 428 14.23 14.20 3.02
C TRP A 428 15.10 15.01 2.07
N PRO A 429 16.40 14.69 2.01
CA PRO A 429 17.34 15.49 1.18
C PRO A 429 17.12 15.29 -0.34
N GLU A 430 17.60 16.24 -1.15
CA GLU A 430 17.40 16.20 -2.64
C GLU A 430 17.82 14.95 -3.40
N TRP A 431 18.92 14.36 -2.98
CA TRP A 431 19.49 13.24 -3.72
C TRP A 431 18.43 12.11 -3.75
N MET A 432 17.54 12.06 -2.76
CA MET A 432 16.54 11.00 -2.69
C MET A 432 15.43 11.20 -3.67
N GLY A 433 15.36 12.39 -4.25
CA GLY A 433 14.46 12.62 -5.41
C GLY A 433 12.98 12.40 -5.10
N VAL A 434 12.24 11.79 -6.05
CA VAL A 434 10.77 11.62 -5.95
C VAL A 434 10.44 10.28 -5.24
N MET A 435 10.40 10.33 -3.93
CA MET A 435 10.50 9.14 -3.15
C MET A 435 9.20 8.38 -3.16
N HIS A 436 9.36 7.11 -2.82
CA HIS A 436 8.31 6.25 -2.42
C HIS A 436 7.44 6.86 -1.35
N GLY A 437 6.11 6.86 -1.58
CA GLY A 437 5.10 7.39 -0.64
C GLY A 437 4.69 8.84 -0.79
N TYR A 438 5.39 9.60 -1.63
CA TYR A 438 5.26 11.06 -1.67
C TYR A 438 4.40 11.55 -2.84
N GLU A 439 3.62 10.63 -3.45
CA GLU A 439 2.49 11.03 -4.31
C GLU A 439 1.19 11.09 -3.49
N ILE A 440 1.21 10.38 -2.37
CA ILE A 440 0.00 10.18 -1.58
C ILE A 440 -0.68 11.50 -1.20
N GLU A 441 0.09 12.46 -0.67
CA GLU A 441 -0.44 13.76 -0.31
C GLU A 441 -1.04 14.49 -1.55
N PHE A 442 -0.49 14.26 -2.74
CA PHE A 442 -1.10 14.81 -3.99
C PHE A 442 -2.42 14.15 -4.29
N VAL A 443 -2.45 12.82 -4.20
CA VAL A 443 -3.73 12.06 -4.38
C VAL A 443 -4.86 12.48 -3.40
N PHE A 444 -4.54 12.78 -2.09
CA PHE A 444 -5.55 13.11 -1.08
C PHE A 444 -5.86 14.60 -1.05
N GLY A 445 -5.13 15.33 -1.90
CA GLY A 445 -5.45 16.74 -2.13
C GLY A 445 -4.97 17.67 -1.04
N LEU A 446 -3.89 17.29 -0.35
CA LEU A 446 -3.40 18.19 0.65
C LEU A 446 -2.90 19.50 0.06
N PRO A 447 -2.32 19.49 -1.15
CA PRO A 447 -1.87 20.84 -1.64
C PRO A 447 -3.01 21.77 -2.04
N LEU A 448 -4.25 21.28 -2.01
CA LEU A 448 -5.40 22.18 -2.28
C LEU A 448 -5.56 23.18 -1.13
N GLU A 449 -5.03 22.85 0.03
CA GLU A 449 -5.10 23.75 1.17
C GLU A 449 -4.02 24.83 0.98
N ARG A 450 -4.42 25.99 0.50
CA ARG A 450 -3.53 27.16 0.35
C ARG A 450 -2.76 27.56 1.66
N ARG A 451 -3.38 27.35 2.83
CA ARG A 451 -2.69 27.64 4.10
C ARG A 451 -1.39 26.82 4.36
N ASP A 452 -1.20 25.74 3.59
CA ASP A 452 -0.13 24.74 3.81
C ASP A 452 1.29 24.97 3.18
N GLN A 453 1.52 26.08 2.46
CA GLN A 453 2.86 26.38 1.92
CA GLN A 453 2.85 26.41 1.88
C GLN A 453 3.37 25.43 0.79
N TYR A 454 2.49 24.64 0.17
CA TYR A 454 2.83 24.06 -1.15
C TYR A 454 2.82 25.18 -2.21
N THR A 455 3.53 25.01 -3.33
CA THR A 455 3.56 26.06 -4.38
C THR A 455 2.22 26.03 -5.12
N LYS A 456 1.98 27.04 -5.92
CA LYS A 456 0.80 27.11 -6.78
C LYS A 456 0.81 25.97 -7.88
N ALA A 457 1.98 25.65 -8.41
CA ALA A 457 2.03 24.63 -9.42
C ALA A 457 1.61 23.30 -8.78
N GLU A 458 1.85 23.12 -7.49
CA GLU A 458 1.52 21.88 -6.79
C GLU A 458 0.02 21.79 -6.48
N GLU A 459 -0.57 22.92 -6.12
CA GLU A 459 -1.99 22.98 -5.96
C GLU A 459 -2.69 22.52 -7.27
N ILE A 460 -2.21 22.99 -8.41
CA ILE A 460 -2.74 22.62 -9.74
C ILE A 460 -2.49 21.12 -10.09
N LEU A 461 -1.30 20.59 -9.78
CA LEU A 461 -1.00 19.22 -10.07
C LEU A 461 -1.95 18.35 -9.21
N SER A 462 -2.15 18.75 -7.95
CA SER A 462 -2.97 17.93 -7.07
C SER A 462 -4.45 17.94 -7.51
N ARG A 463 -4.93 19.13 -7.86
CA ARG A 463 -6.30 19.28 -8.30
C ARG A 463 -6.55 18.39 -9.54
N SER A 464 -5.58 18.36 -10.43
CA SER A 464 -5.76 17.60 -11.63
C SER A 464 -5.73 16.04 -11.30
N ILE A 465 -4.84 15.61 -10.42
CA ILE A 465 -4.71 14.18 -10.03
C ILE A 465 -6.00 13.78 -9.27
N VAL A 466 -6.43 14.67 -8.37
CA VAL A 466 -7.68 14.42 -7.67
C VAL A 466 -8.85 14.20 -8.65
N LYS A 467 -8.93 15.06 -9.66
CA LYS A 467 -9.96 14.88 -10.68
C LYS A 467 -9.79 13.58 -11.50
N ARG A 468 -8.56 13.30 -11.94
CA ARG A 468 -8.35 12.04 -12.69
C ARG A 468 -8.74 10.79 -11.84
N TRP A 469 -8.35 10.76 -10.57
CA TRP A 469 -8.65 9.62 -9.68
C TRP A 469 -10.16 9.46 -9.52
N ALA A 470 -10.85 10.60 -9.35
CA ALA A 470 -12.30 10.61 -9.13
C ALA A 470 -13.00 10.20 -10.42
N ASN A 471 -12.56 10.76 -11.53
CA ASN A 471 -13.11 10.28 -12.82
C ASN A 471 -12.85 8.79 -13.03
N PHE A 472 -11.67 8.29 -12.65
CA PHE A 472 -11.44 6.86 -12.72
C PHE A 472 -12.47 6.11 -11.88
N ALA A 473 -12.65 6.51 -10.61
CA ALA A 473 -13.57 5.79 -9.75
C ALA A 473 -15.02 5.84 -10.26
N LYS A 474 -15.47 7.02 -10.62
CA LYS A 474 -16.85 7.17 -11.12
C LYS A 474 -17.10 6.53 -12.52
N TYR A 475 -16.13 6.66 -13.42
CA TYR A 475 -16.40 6.45 -14.88
C TYR A 475 -15.46 5.47 -15.58
N GLY A 476 -14.49 4.97 -14.81
CA GLY A 476 -13.47 4.05 -15.26
C GLY A 476 -12.49 4.65 -16.25
N ASN A 477 -12.30 5.96 -16.23
CA ASN A 477 -11.48 6.66 -17.24
C ASN A 477 -10.81 7.88 -16.63
N PRO A 478 -9.47 7.84 -16.37
CA PRO A 478 -8.86 8.87 -15.47
C PRO A 478 -8.50 10.10 -16.31
N GLN A 479 -9.48 10.66 -17.04
CA GLN A 479 -9.27 11.90 -17.85
C GLN A 479 -9.53 13.13 -17.00
N GLU A 480 -8.96 14.27 -17.41
CA GLU A 480 -9.30 15.58 -16.84
C GLU A 480 -9.82 16.27 -18.09
N THR A 481 -11.15 16.32 -18.23
CA THR A 481 -11.75 16.68 -19.54
C THR A 481 -11.93 18.20 -19.83
N GLN A 482 -11.80 19.07 -18.83
CA GLN A 482 -12.23 20.50 -19.01
C GLN A 482 -11.10 21.47 -19.29
N ASN A 483 -9.87 21.10 -18.98
CA ASN A 483 -8.79 22.09 -19.02
C ASN A 483 -7.71 21.90 -20.11
N GLN A 484 -8.10 21.38 -21.27
CA GLN A 484 -7.15 21.07 -22.35
C GLN A 484 -6.00 20.17 -21.85
N SER A 485 -6.31 19.16 -21.05
CA SER A 485 -5.27 18.30 -20.55
C SER A 485 -4.92 17.25 -21.56
N THR A 486 -3.69 16.73 -21.42
CA THR A 486 -3.21 15.56 -22.11
C THR A 486 -4.16 14.42 -21.78
N SER A 487 -4.60 13.78 -22.83
CA SER A 487 -5.42 12.61 -22.77
C SER A 487 -4.59 11.41 -22.29
N TRP A 488 -5.13 10.65 -21.35
CA TRP A 488 -4.41 9.50 -20.77
C TRP A 488 -4.82 8.24 -21.62
N PRO A 489 -3.91 7.71 -22.44
CA PRO A 489 -4.17 6.53 -23.29
C PRO A 489 -4.16 5.23 -22.45
N VAL A 490 -4.95 4.21 -22.82
CA VAL A 490 -4.90 2.93 -22.18
C VAL A 490 -3.52 2.31 -22.44
N PHE A 491 -3.03 1.61 -21.43
CA PHE A 491 -1.79 0.84 -21.50
C PHE A 491 -2.11 -0.50 -22.14
N LYS A 492 -1.51 -0.74 -23.29
CA LYS A 492 -1.74 -1.98 -23.99
C LYS A 492 -0.40 -2.70 -24.04
N SER A 493 -0.43 -4.02 -24.05
CA SER A 493 0.69 -4.82 -24.56
C SER A 493 1.03 -4.29 -25.96
N THR A 494 2.30 -4.33 -26.26
CA THR A 494 2.81 -3.83 -27.54
C THR A 494 3.20 -2.38 -27.33
N GLU A 495 2.26 -1.45 -27.31
CA GLU A 495 2.73 -0.06 -27.17
C GLU A 495 3.15 0.43 -25.79
N GLN A 496 2.45 0.00 -24.77
CA GLN A 496 2.82 0.31 -23.39
C GLN A 496 2.90 1.82 -23.12
N LYS A 497 1.88 2.56 -23.53
CA LYS A 497 1.87 4.00 -23.25
C LYS A 497 1.64 4.30 -21.77
N TYR A 498 2.36 5.28 -21.22
CA TYR A 498 2.04 5.72 -19.87
C TYR A 498 1.97 7.24 -19.82
N LEU A 499 1.40 7.80 -18.76
CA LEU A 499 1.30 9.24 -18.60
C LEU A 499 2.31 9.71 -17.47
N THR A 500 3.11 10.76 -17.72
CA THR A 500 3.94 11.33 -16.67
C THR A 500 3.16 12.41 -15.91
N LEU A 501 3.32 12.43 -14.57
CA LEU A 501 2.60 13.38 -13.69
C LEU A 501 3.66 14.30 -13.13
N ASN A 502 3.57 15.57 -13.49
CA ASN A 502 4.56 16.52 -13.09
C ASN A 502 3.94 17.88 -13.15
N THR A 503 4.69 18.83 -12.68
CA THR A 503 4.17 20.10 -12.41
C THR A 503 4.23 20.89 -13.72
N GLU A 504 5.12 20.50 -14.63
CA GLU A 504 5.39 21.27 -15.82
CA GLU A 504 5.33 21.32 -15.81
C GLU A 504 4.45 20.89 -16.98
N SER A 505 4.65 19.68 -17.50
CA SER A 505 3.86 19.23 -18.65
C SER A 505 3.83 17.72 -18.66
N THR A 506 2.62 17.23 -18.56
CA THR A 506 2.19 15.90 -18.79
C THR A 506 2.60 15.37 -20.17
N ARG A 507 3.27 14.22 -20.17
CA ARG A 507 3.66 13.63 -21.42
C ARG A 507 3.21 12.22 -21.53
N ILE A 508 2.88 11.84 -22.75
CA ILE A 508 2.68 10.44 -23.04
CA ILE A 508 2.67 10.44 -23.05
C ILE A 508 4.03 9.86 -23.49
N MET A 509 4.45 8.79 -22.79
CA MET A 509 5.68 8.08 -23.07
CA MET A 509 5.65 8.09 -23.17
C MET A 509 5.41 6.59 -23.29
N THR A 510 6.44 5.85 -23.69
CA THR A 510 6.34 4.42 -23.96
C THR A 510 7.43 3.57 -23.33
N LYS A 511 7.04 2.41 -22.81
CA LYS A 511 8.01 1.37 -22.41
C LYS A 511 8.92 1.84 -21.36
N LEU A 512 8.32 2.35 -20.28
CA LEU A 512 9.05 2.71 -19.06
C LEU A 512 10.11 1.60 -18.67
N ARG A 513 11.36 2.00 -18.47
CA ARG A 513 12.41 1.10 -17.98
C ARG A 513 12.54 -0.17 -18.81
N ALA A 514 12.41 -0.07 -20.13
CA ALA A 514 12.32 -1.28 -20.94
C ALA A 514 13.52 -2.18 -20.65
N GLN A 515 14.73 -1.60 -20.72
CA GLN A 515 15.99 -2.40 -20.65
C GLN A 515 16.20 -2.97 -19.24
N GLN A 516 15.92 -2.17 -18.21
CA GLN A 516 16.02 -2.61 -16.85
C GLN A 516 15.06 -3.71 -16.50
N CYS A 517 13.81 -3.60 -16.92
CA CYS A 517 12.76 -4.56 -16.56
C CYS A 517 12.94 -5.86 -17.31
N ARG A 518 13.49 -5.85 -18.53
CA ARG A 518 13.88 -7.12 -19.17
C ARG A 518 14.82 -7.92 -18.32
N PHE A 519 15.79 -7.24 -17.68
CA PHE A 519 16.73 -7.84 -16.73
C PHE A 519 16.01 -8.49 -15.53
N TRP A 520 15.19 -7.71 -14.82
CA TRP A 520 14.59 -8.18 -13.58
C TRP A 520 13.52 -9.24 -13.82
N THR A 521 12.76 -9.03 -14.90
CA THR A 521 11.61 -9.85 -15.24
C THR A 521 11.96 -11.14 -15.92
N SER A 522 13.00 -11.19 -16.78
CA SER A 522 13.21 -12.42 -17.53
C SER A 522 14.45 -13.08 -17.15
N PHE A 523 15.45 -12.30 -16.78
CA PHE A 523 16.66 -12.95 -16.35
C PHE A 523 16.77 -13.17 -14.81
N PHE A 524 16.63 -12.12 -14.01
CA PHE A 524 16.89 -12.29 -12.56
C PHE A 524 16.18 -13.47 -11.85
N PRO A 525 14.88 -13.73 -12.17
CA PRO A 525 14.22 -14.84 -11.51
C PRO A 525 14.93 -16.19 -11.70
N LYS A 526 15.81 -16.33 -12.72
CA LYS A 526 16.52 -17.59 -12.91
C LYS A 526 17.70 -17.77 -11.94
N VAL A 527 18.31 -16.65 -11.56
CA VAL A 527 19.53 -16.61 -10.75
C VAL A 527 19.38 -17.35 -9.39
C1 NAG B . 27.66 10.48 4.93
C2 NAG B . 29.15 10.33 4.65
C3 NAG B . 29.56 8.88 4.88
C4 NAG B . 29.28 8.36 6.28
C5 NAG B . 27.78 8.60 6.38
C6 NAG B . 26.92 7.97 7.49
C7 NAG B . 29.83 11.90 2.86
C8 NAG B . 30.24 12.95 3.85
N2 NAG B . 29.36 10.72 3.28
O3 NAG B . 30.92 8.74 4.58
O4 NAG B . 29.65 6.98 6.30
O5 NAG B . 27.45 9.97 6.23
O6 NAG B . 27.41 7.88 8.82
O7 NAG B . 29.95 12.15 1.66
C1 NAG B . 30.22 6.57 7.56
C2 NAG B . 29.97 5.06 7.74
C3 NAG B . 30.93 4.42 8.74
C4 NAG B . 32.37 4.68 8.27
C5 NAG B . 32.58 6.20 8.49
C6 NAG B . 34.04 6.54 8.17
C7 NAG B . 27.75 4.06 7.41
C8 NAG B . 26.37 3.76 7.92
N2 NAG B . 28.61 4.77 8.19
O3 NAG B . 30.67 3.05 8.93
O4 NAG B . 33.33 3.88 8.97
O5 NAG B . 31.62 6.97 7.71
O6 NAG B . 34.25 7.94 8.11
O7 NAG B . 28.08 3.65 6.28
C1 FUL B . 27.66 9.20 9.38
C2 FUL B . 28.33 9.27 10.76
O2 FUL B . 28.99 8.07 11.15
C3 FUL B . 29.23 10.49 10.55
O3 FUL B . 30.09 10.71 11.64
C4 FUL B . 28.38 11.74 10.24
O4 FUL B . 27.63 12.09 11.39
C5 FUL B . 27.39 11.44 9.07
C6 FUL B . 26.49 12.60 8.62
O5 FUL B . 26.67 10.23 9.37
C1 NAG C . 14.46 -21.00 9.06
C2 NAG C . 15.55 -20.71 8.01
C3 NAG C . 16.95 -21.16 8.41
C4 NAG C . 17.22 -20.93 9.91
C5 NAG C . 16.18 -21.67 10.75
C6 NAG C . 16.02 -21.08 12.15
C7 NAG C . 14.88 -20.48 5.62
C8 NAG C . 15.39 -19.05 5.64
N2 NAG C . 15.02 -21.23 6.75
O3 NAG C . 17.90 -20.39 7.69
O4 NAG C . 18.52 -21.40 10.29
O5 NAG C . 14.88 -21.81 10.15
O6 NAG C . 17.19 -20.38 12.55
O7 NAG C . 14.39 -20.94 4.56
C1 NAG C . 19.57 -20.39 10.44
C2 NAG C . 20.20 -20.36 11.88
C3 NAG C . 21.14 -21.56 12.05
C4 NAG C . 22.28 -21.41 11.02
C5 NAG C . 21.90 -20.47 9.85
C6 NAG C . 22.86 -20.51 8.66
C7 NAG C . 21.56 -18.58 13.29
C8 NAG C . 22.19 -17.23 13.09
N2 NAG C . 20.94 -19.08 12.17
O3 NAG C . 20.40 -22.78 11.93
O4 NAG C . 23.42 -20.88 11.69
O5 NAG C . 20.54 -20.60 9.41
O6 NAG C . 22.25 -19.67 7.68
O7 NAG C . 21.64 -19.12 14.41
C1 FUL C . 16.82 -19.23 13.35
C2 FUL C . 17.77 -18.03 13.38
O2 FUL C . 18.43 -17.79 12.15
C3 FUL C . 16.86 -16.83 13.58
O3 FUL C . 17.64 -15.64 13.64
C4 FUL C . 15.89 -17.07 14.77
O4 FUL C . 16.49 -16.57 15.96
C5 FUL C . 15.36 -18.54 14.90
C6 FUL C . 14.52 -18.90 16.13
O5 FUL C . 16.39 -19.48 14.69
UNK UNX D . 10.11 -13.84 0.46
UNK UNX E . 16.44 -15.36 5.12
UNK UNX F . 14.26 -16.71 5.15
UNK UNX G . 27.09 16.44 1.50
UNK UNX H . 29.27 15.81 1.41
UNK UNX I . 28.88 13.52 6.68
UNK UNX J . 10.57 2.88 4.63
UNK UNX K . -13.96 4.34 18.30
UNK UNX L . -13.26 6.33 17.73
UNK UNX M . -15.33 6.41 17.34
UNK UNX N . -10.48 2.75 19.80
UNK UNX O . -12.80 3.14 20.27
UNK UNX P . -17.79 5.09 21.46
UNK UNX Q . -17.58 4.98 23.10
UNK UNX R . -19.44 6.10 21.78
UNK UNX S . -3.07 -13.89 -22.88
UNK UNX T . -4.82 -14.25 -23.71
UNK UNX U . -6.80 -14.30 -24.21
UNK UNX V . 0.25 13.50 12.17
UNK UNX W . -1.79 14.59 12.53
UNK UNX X . -1.42 13.22 13.76
UNK UNX Y . 13.43 4.69 -18.31
UNK UNX Z . 12.39 4.57 -20.25
C4 VR AA . 8.97 -3.17 0.35
C3 VR AA . 8.29 -2.83 1.67
C5 VR AA . 8.47 -3.92 2.64
C2 VR AA . 6.79 -2.75 1.44
O2 VR AA . 6.63 -1.52 0.86
P1 VR AA . 5.42 -0.63 1.31
C1 VR AA . 6.22 0.82 2.10
O1 VR AA . 4.31 -1.04 2.19
N GLY BA . -10.85 14.49 8.45
CA GLY BA . -10.27 14.17 9.75
C GLY BA . -9.80 15.39 10.55
O GLY BA . -9.18 16.32 9.94
OXT GLY BA . -10.00 15.41 11.80
S SO4 CA . -12.94 -2.28 -20.38
O1 SO4 CA . -12.17 -2.74 -19.20
O2 SO4 CA . -14.15 -1.64 -19.96
O3 SO4 CA . -12.14 -1.32 -21.17
O4 SO4 CA . -13.26 -3.38 -21.29
S SO4 DA . 19.18 -8.89 -20.52
O1 SO4 DA . 18.58 -10.24 -20.35
O2 SO4 DA . 18.33 -7.97 -19.79
O3 SO4 DA . 20.59 -8.79 -20.03
O4 SO4 DA . 19.19 -8.53 -21.95
CA CA EA . 5.97 4.70 3.42
CA CA FA . -1.82 18.70 -18.87
CA CA GA . 13.93 8.81 -14.92
BR BR HA . 35.35 -5.73 -8.88
NA NA IA . 22.92 -12.67 -17.50
C1 NAG JA . -27.50 4.20 -7.54
C2 NAG JA . -29.03 3.90 -7.40
C3 NAG JA . -29.24 2.41 -7.79
C4 NAG JA . -28.70 2.11 -9.20
C5 NAG JA . -27.19 2.52 -9.23
C6 NAG JA . -26.42 2.24 -10.53
C7 NAG JA . -30.12 5.43 -5.65
C8 NAG JA . -30.21 6.66 -6.52
N2 NAG JA . -29.61 4.25 -6.08
O3 NAG JA . -30.58 1.99 -7.59
O4 NAG JA . -28.92 0.74 -9.55
O5 NAG JA . -27.02 3.91 -8.86
O6 NAG JA . -25.02 2.42 -10.39
O7 NAG JA . -30.57 5.53 -4.50
C1 NAG KA . -21.82 10.96 22.47
C2 NAG KA . -21.93 10.62 23.95
C3 NAG KA . -23.19 11.30 24.47
C4 NAG KA . -23.09 12.82 24.29
C5 NAG KA . -22.53 13.31 22.93
C6 NAG KA . -21.79 14.66 23.06
C7 NAG KA . -20.83 8.62 24.96
C8 NAG KA . -19.78 9.48 25.64
N2 NAG KA . -21.79 9.18 24.21
O3 NAG KA . -23.35 11.03 25.85
O4 NAG KA . -24.35 13.42 24.59
O5 NAG KA . -21.58 12.37 22.37
O6 NAG KA . -22.43 15.69 22.32
O7 NAG KA . -20.77 7.41 25.12
C1 NAG LA . -9.48 23.89 -14.45
C2 NAG LA . -9.17 23.39 -13.02
C3 NAG LA . -9.33 24.43 -11.89
C4 NAG LA . -8.95 25.87 -12.33
C5 NAG LA . -9.70 26.21 -13.65
C6 NAG LA . -9.69 27.69 -14.12
C7 NAG LA . -9.19 20.95 -12.70
C8 NAG LA . -10.02 19.75 -12.40
N2 NAG LA . -9.85 22.14 -12.74
O3 NAG LA . -8.46 24.05 -10.83
O4 NAG LA . -9.16 26.82 -11.29
O5 NAG LA . -9.18 25.30 -14.63
O6 NAG LA . -8.78 28.01 -15.19
O7 NAG LA . -7.97 20.80 -12.89
C1 NAG MA . -4.15 -31.18 19.78
C2 NAG MA . -5.08 -32.24 19.13
C3 NAG MA . -6.50 -31.66 18.83
C4 NAG MA . -7.07 -30.87 20.03
C5 NAG MA . -6.04 -29.80 20.42
C6 NAG MA . -6.57 -28.74 21.41
C7 NAG MA . -3.35 -33.55 17.83
C8 NAG MA . -2.96 -34.04 16.46
N2 NAG MA . -4.49 -32.83 17.92
O3 NAG MA . -7.44 -32.65 18.43
O4 NAG MA . -8.37 -30.34 19.79
O5 NAG MA . -4.85 -30.48 20.83
O6 NAG MA . -6.29 -29.07 22.75
O7 NAG MA . -2.62 -33.82 18.80
CL CL NA . 0.42 10.15 -28.81
NA NA OA . 33.98 3.07 -12.19
#